data_4OEN
#
_entry.id   4OEN
#
_cell.length_a   42.432
_cell.length_b   109.606
_cell.length_c   57.922
_cell.angle_alpha   90.00
_cell.angle_beta   111.11
_cell.angle_gamma   90.00
#
_symmetry.space_group_name_H-M   'P 1 21 1'
#
loop_
_entity.id
_entity.type
_entity.pdbx_description
1 polymer 'Second substrate binding domain of putative amino acid ABC transporter'
2 non-polymer 'SULFATE ION'
3 non-polymer 'CHLORIDE ION'
4 non-polymer 'ACETATE ION'
5 water water
#
_entity_poly.entity_id   1
_entity_poly.type   'polypeptide(L)'
_entity_poly.pdbx_seq_one_letter_code
;GKAKYIIASDSSFAPFVFQNSSNQYTGIDMELIKAIAKDQGFEIEITNPGFDAAISAVQAGQADGIIAGMSVTDARKATF
DFSESYYTANTILGVKESSNIASYEDLKGKTVGVKNGTASQTFLTENQSKYGYKIKTFADGSSMYDSLNTGAIDAVMDDE
PVLKYSISQGQKLKTPISGTPIGETAFAVKKGANPELIEMFNNGLANLKANGEFQKILDKYLA
;
_entity_poly.pdbx_strand_id   A,B
#
# COMPACT_ATOMS: atom_id res chain seq x y z
N LYS A 4 8.77 -11.96 -9.91
CA LYS A 4 8.65 -10.50 -10.00
C LYS A 4 9.21 -9.83 -8.74
N TYR A 5 8.63 -10.11 -7.57
CA TYR A 5 9.28 -9.71 -6.32
C TYR A 5 10.27 -10.79 -5.90
N ILE A 6 11.48 -10.38 -5.57
CA ILE A 6 12.49 -11.33 -5.12
C ILE A 6 12.46 -11.42 -3.61
N ILE A 7 12.26 -12.63 -3.09
CA ILE A 7 12.17 -12.85 -1.66
C ILE A 7 13.35 -13.68 -1.19
N ALA A 8 14.16 -13.12 -0.32
CA ALA A 8 15.36 -13.81 0.14
C ALA A 8 15.14 -14.42 1.52
N SER A 9 15.74 -15.58 1.75
CA SER A 9 15.54 -16.29 2.99
C SER A 9 16.80 -17.02 3.45
N ASP A 10 16.70 -17.64 4.62
CA ASP A 10 17.75 -18.52 5.13
C ASP A 10 17.69 -19.87 4.45
N SER A 11 18.66 -20.72 4.73
CA SER A 11 18.68 -22.05 4.14
C SER A 11 18.46 -23.13 5.19
N SER A 12 18.67 -22.82 6.46
CA SER A 12 18.62 -23.83 7.50
C SER A 12 18.15 -23.24 8.83
N PHE A 13 16.84 -23.06 8.95
CA PHE A 13 16.27 -22.48 10.15
C PHE A 13 14.91 -23.15 10.41
N ALA A 14 14.94 -24.46 10.66
CA ALA A 14 13.71 -25.23 10.86
C ALA A 14 13.05 -24.75 12.15
N PRO A 15 11.70 -24.67 12.16
CA PRO A 15 10.72 -25.06 11.14
C PRO A 15 10.32 -23.95 10.17
N PHE A 16 10.97 -22.78 10.23
CA PHE A 16 10.60 -21.69 9.34
C PHE A 16 11.06 -21.92 7.90
N VAL A 17 12.29 -22.40 7.73
CA VAL A 17 12.79 -22.67 6.38
C VAL A 17 13.90 -23.68 6.51
N PHE A 18 13.79 -24.73 5.70
CA PHE A 18 14.79 -25.79 5.70
C PHE A 18 14.64 -26.64 4.46
N GLN A 19 15.68 -27.43 4.18
CA GLN A 19 15.68 -28.31 3.01
C GLN A 19 15.03 -29.65 3.35
N ASN A 20 14.10 -30.09 2.51
CA ASN A 20 13.49 -31.41 2.72
C ASN A 20 14.32 -32.49 2.03
N SER A 21 13.84 -33.74 2.10
CA SER A 21 14.59 -34.87 1.57
C SER A 21 14.73 -34.80 0.05
N SER A 22 13.86 -34.01 -0.59
CA SER A 22 13.89 -33.80 -2.03
C SER A 22 14.76 -32.60 -2.40
N ASN A 23 15.45 -32.07 -1.40
CA ASN A 23 16.35 -30.93 -1.58
C ASN A 23 15.65 -29.66 -2.08
N GLN A 24 14.37 -29.52 -1.74
CA GLN A 24 13.66 -28.26 -1.95
C GLN A 24 13.64 -27.53 -0.62
N TYR A 25 13.47 -26.22 -0.64
CA TYR A 25 13.33 -25.50 0.62
C TYR A 25 11.85 -25.39 0.97
N THR A 26 11.52 -25.85 2.17
CA THR A 26 10.15 -25.88 2.64
C THR A 26 10.13 -25.20 4.00
N GLY A 27 9.01 -25.29 4.71
CA GLY A 27 8.93 -24.69 6.04
C GLY A 27 7.79 -23.70 6.13
N ILE A 28 7.47 -23.26 7.35
CA ILE A 28 6.38 -22.30 7.55
C ILE A 28 6.50 -21.08 6.63
N ASP A 29 7.70 -20.51 6.58
CA ASP A 29 7.93 -19.28 5.81
C ASP A 29 7.75 -19.48 4.33
N MET A 30 8.23 -20.61 3.84
CA MET A 30 8.17 -20.91 2.41
C MET A 30 6.73 -21.08 1.99
N GLU A 31 5.98 -21.86 2.79
CA GLU A 31 4.59 -22.06 2.46
C GLU A 31 3.78 -20.79 2.59
N LEU A 32 4.07 -20.00 3.62
CA LEU A 32 3.30 -18.79 3.88
C LEU A 32 3.50 -17.74 2.78
N ILE A 33 4.75 -17.49 2.38
CA ILE A 33 4.94 -16.45 1.37
C ILE A 33 4.31 -16.87 0.03
N LYS A 34 4.42 -18.15 -0.31
CA LYS A 34 3.80 -18.65 -1.53
C LYS A 34 2.27 -18.52 -1.50
N ALA A 35 1.66 -18.83 -0.37
CA ALA A 35 0.20 -18.70 -0.25
C ALA A 35 -0.26 -17.24 -0.32
N ILE A 36 0.55 -16.35 0.25
CA ILE A 36 0.22 -14.94 0.24
C ILE A 36 0.37 -14.39 -1.17
N ALA A 37 1.43 -14.78 -1.88
CA ALA A 37 1.62 -14.32 -3.24
C ALA A 37 0.46 -14.72 -4.13
N LYS A 38 -0.01 -15.96 -3.94
CA LYS A 38 -1.10 -16.48 -4.73
C LYS A 38 -2.42 -15.80 -4.37
N ASP A 39 -2.63 -15.54 -3.09
CA ASP A 39 -3.85 -14.88 -2.61
C ASP A 39 -3.95 -13.44 -3.13
N GLN A 40 -2.81 -12.78 -3.18
CA GLN A 40 -2.72 -11.36 -3.49
C GLN A 40 -2.38 -11.09 -4.95
N GLY A 41 -2.12 -12.15 -5.70
CA GLY A 41 -1.91 -12.03 -7.13
C GLY A 41 -0.60 -11.39 -7.55
N PHE A 42 0.45 -11.57 -6.75
CA PHE A 42 1.77 -11.19 -7.25
C PHE A 42 2.65 -12.42 -7.42
N GLU A 43 3.71 -12.26 -8.21
CA GLU A 43 4.66 -13.33 -8.46
C GLU A 43 5.90 -13.14 -7.60
N ILE A 44 6.51 -14.24 -7.20
CA ILE A 44 7.74 -14.18 -6.43
C ILE A 44 8.77 -15.14 -6.97
N GLU A 45 10.03 -14.78 -6.73
CA GLU A 45 11.14 -15.69 -6.88
C GLU A 45 11.76 -15.79 -5.49
N ILE A 46 11.93 -17.00 -4.99
CA ILE A 46 12.50 -17.19 -3.67
C ILE A 46 13.97 -17.59 -3.82
N THR A 47 14.81 -16.97 -3.02
CA THR A 47 16.22 -17.37 -2.95
C THR A 47 16.54 -17.72 -1.50
N ASN A 48 17.55 -18.58 -1.31
CA ASN A 48 17.91 -18.99 0.03
C ASN A 48 19.41 -18.84 0.28
N PRO A 49 19.91 -17.61 0.22
CA PRO A 49 21.36 -17.35 0.32
C PRO A 49 21.88 -17.37 1.75
N GLY A 50 20.97 -17.53 2.73
CA GLY A 50 21.35 -17.45 4.12
C GLY A 50 20.85 -16.15 4.71
N PHE A 51 20.69 -16.11 6.03
CA PHE A 51 20.04 -14.99 6.70
C PHE A 51 20.80 -13.69 6.52
N ASP A 52 22.09 -13.69 6.83
CA ASP A 52 22.91 -12.50 6.68
C ASP A 52 22.98 -12.02 5.24
N ALA A 53 23.10 -12.96 4.30
CA ALA A 53 23.16 -12.63 2.88
C ALA A 53 21.82 -12.08 2.39
N ALA A 54 20.73 -12.62 2.93
CA ALA A 54 19.38 -12.13 2.65
C ALA A 54 19.19 -10.69 3.13
N ILE A 55 19.67 -10.41 4.34
CA ILE A 55 19.70 -9.05 4.88
CA ILE A 55 19.67 -9.05 4.86
C ILE A 55 20.43 -8.10 3.92
N SER A 56 21.64 -8.48 3.52
CA SER A 56 22.43 -7.70 2.57
C SER A 56 21.70 -7.40 1.28
N ALA A 57 21.08 -8.42 0.70
CA ALA A 57 20.46 -8.30 -0.60
C ALA A 57 19.28 -7.32 -0.54
N VAL A 58 18.48 -7.41 0.51
CA VAL A 58 17.35 -6.51 0.68
C VAL A 58 17.86 -5.07 0.88
N GLN A 59 18.89 -4.90 1.72
CA GLN A 59 19.41 -3.56 1.99
C GLN A 59 20.04 -2.91 0.76
N ALA A 60 20.63 -3.75 -0.10
CA ALA A 60 21.25 -3.28 -1.33
C ALA A 60 20.24 -3.08 -2.46
N GLY A 61 19.00 -3.52 -2.25
CA GLY A 61 17.97 -3.39 -3.26
C GLY A 61 17.97 -4.50 -4.31
N GLN A 62 18.74 -5.55 -4.07
CA GLN A 62 18.76 -6.66 -5.03
C GLN A 62 17.73 -7.72 -4.70
N ALA A 63 17.22 -7.69 -3.47
CA ALA A 63 16.04 -8.47 -3.12
C ALA A 63 15.01 -7.52 -2.57
N ASP A 64 13.74 -7.86 -2.74
CA ASP A 64 12.67 -6.97 -2.33
C ASP A 64 12.23 -7.20 -0.90
N GLY A 65 12.26 -8.45 -0.44
CA GLY A 65 11.78 -8.76 0.89
C GLY A 65 12.55 -9.90 1.48
N ILE A 66 12.47 -10.03 2.80
CA ILE A 66 13.08 -11.15 3.51
C ILE A 66 12.06 -11.83 4.42
N ILE A 67 12.04 -13.16 4.37
CA ILE A 67 11.24 -13.93 5.33
C ILE A 67 12.14 -15.08 5.76
N ALA A 68 12.37 -15.20 7.07
CA ALA A 68 13.35 -16.17 7.57
C ALA A 68 13.27 -16.30 9.07
N GLY A 69 12.06 -16.52 9.61
CA GLY A 69 11.88 -16.56 11.04
C GLY A 69 12.49 -15.35 11.72
N MET A 70 12.34 -14.20 11.07
CA MET A 70 13.05 -12.98 11.44
C MET A 70 12.39 -12.24 12.60
N SER A 71 13.16 -12.04 13.66
CA SER A 71 12.66 -11.39 14.86
C SER A 71 12.51 -9.89 14.63
N VAL A 72 11.36 -9.36 15.05
CA VAL A 72 11.13 -7.92 15.04
C VAL A 72 11.85 -7.30 16.23
N THR A 73 12.76 -6.38 15.95
CA THR A 73 13.49 -5.67 17.01
C THR A 73 13.56 -4.21 16.63
N ASP A 74 13.68 -3.34 17.65
CA ASP A 74 13.84 -1.91 17.40
C ASP A 74 15.07 -1.60 16.56
N ALA A 75 16.15 -2.32 16.79
CA ALA A 75 17.38 -2.12 16.03
C ALA A 75 17.15 -2.33 14.54
N ARG A 76 16.39 -3.38 14.21
CA ARG A 76 16.12 -3.72 12.82
C ARG A 76 15.15 -2.76 12.18
N LYS A 77 14.30 -2.13 12.99
CA LYS A 77 13.39 -1.11 12.46
C LYS A 77 14.11 0.11 11.89
N ALA A 78 15.38 0.30 12.24
CA ALA A 78 16.13 1.42 11.71
C ALA A 78 16.35 1.29 10.20
N THR A 79 16.39 0.06 9.69
CA THR A 79 16.67 -0.14 8.28
C THR A 79 15.63 -1.03 7.58
N PHE A 80 14.72 -1.62 8.35
CA PHE A 80 13.66 -2.47 7.78
C PHE A 80 12.28 -1.97 8.18
N ASP A 81 11.32 -2.16 7.28
CA ASP A 81 9.90 -2.05 7.62
C ASP A 81 9.32 -3.44 7.71
N PHE A 82 8.64 -3.73 8.82
CA PHE A 82 8.12 -5.05 9.07
C PHE A 82 6.65 -5.15 8.75
N SER A 83 6.23 -6.35 8.35
CA SER A 83 4.83 -6.72 8.30
C SER A 83 4.26 -6.91 9.69
N GLU A 84 2.96 -7.15 9.75
CA GLU A 84 2.33 -7.65 10.96
CA GLU A 84 2.38 -7.60 11.00
C GLU A 84 3.01 -8.95 11.35
N SER A 85 3.04 -9.25 12.65
CA SER A 85 3.59 -10.51 13.10
C SER A 85 2.79 -11.68 12.59
N TYR A 86 3.46 -12.72 12.12
CA TYR A 86 2.76 -13.95 11.77
C TYR A 86 3.04 -15.06 12.77
N TYR A 87 3.85 -14.79 13.79
CA TYR A 87 4.17 -15.80 14.78
C TYR A 87 4.78 -15.17 16.02
N THR A 88 4.17 -15.42 17.17
CA THR A 88 4.74 -14.97 18.43
C THR A 88 5.66 -16.04 18.96
N ALA A 89 6.93 -15.67 19.09
CA ALA A 89 7.97 -16.60 19.51
C ALA A 89 8.03 -16.66 21.02
N ASN A 90 7.96 -17.87 21.55
CA ASN A 90 8.01 -18.08 23.00
C ASN A 90 9.21 -18.91 23.38
N THR A 91 9.63 -18.77 24.64
CA THR A 91 10.47 -19.78 25.29
C THR A 91 9.51 -20.68 26.08
N ILE A 92 9.84 -21.97 26.15
CA ILE A 92 8.91 -22.92 26.76
C ILE A 92 9.67 -24.07 27.40
N LEU A 93 9.10 -24.61 28.47
CA LEU A 93 9.69 -25.76 29.13
C LEU A 93 9.43 -27.06 28.38
N GLY A 94 10.44 -27.92 28.30
CA GLY A 94 10.28 -29.25 27.70
C GLY A 94 10.64 -30.33 28.70
N VAL A 95 9.85 -31.40 28.77
CA VAL A 95 10.16 -32.57 29.59
C VAL A 95 9.84 -33.86 28.84
N LYS A 96 10.38 -34.99 29.32
CA LYS A 96 9.99 -36.29 28.77
C LYS A 96 8.51 -36.58 29.02
N GLU A 97 7.96 -37.42 28.18
CA GLU A 97 6.57 -37.79 28.29
C GLU A 97 6.17 -38.23 29.66
N SER A 98 7.09 -38.92 30.29
CA SER A 98 6.89 -39.55 31.58
C SER A 98 6.92 -38.59 32.77
N SER A 99 7.35 -37.36 32.54
CA SER A 99 7.61 -36.43 33.64
C SER A 99 6.34 -35.99 34.38
N ASN A 100 6.49 -35.84 35.69
CA ASN A 100 5.47 -35.33 36.60
C ASN A 100 5.29 -33.80 36.55
N ILE A 101 6.30 -33.12 36.03
CA ILE A 101 6.40 -31.66 36.13
C ILE A 101 5.30 -30.95 35.36
N ALA A 102 4.54 -30.09 36.06
CA ALA A 102 3.37 -29.45 35.49
C ALA A 102 3.26 -27.96 35.83
N SER A 103 4.29 -27.43 36.47
CA SER A 103 4.36 -26.01 36.81
C SER A 103 5.81 -25.64 37.11
N TYR A 104 6.12 -24.36 37.11
CA TYR A 104 7.48 -23.94 37.45
C TYR A 104 7.77 -24.24 38.91
N GLU A 105 6.75 -24.16 39.75
CA GLU A 105 6.88 -24.51 41.16
C GLU A 105 7.34 -25.96 41.34
N ASP A 106 6.93 -26.84 40.42
CA ASP A 106 7.33 -28.25 40.49
C ASP A 106 8.84 -28.43 40.27
N LEU A 107 9.49 -27.39 39.77
CA LEU A 107 10.91 -27.46 39.47
C LEU A 107 11.77 -27.18 40.69
N LYS A 108 11.17 -26.89 41.83
CA LYS A 108 11.97 -26.58 43.02
C LYS A 108 12.91 -27.73 43.33
N GLY A 109 14.22 -27.44 43.37
CA GLY A 109 15.21 -28.45 43.67
C GLY A 109 15.63 -29.29 42.48
N LYS A 110 14.88 -29.18 41.39
CA LYS A 110 15.18 -29.91 40.15
C LYS A 110 16.26 -29.18 39.34
N THR A 111 16.73 -29.82 38.28
CA THR A 111 17.74 -29.22 37.44
C THR A 111 17.20 -29.06 36.03
N VAL A 112 17.30 -27.83 35.51
CA VAL A 112 16.80 -27.51 34.17
C VAL A 112 17.97 -27.22 33.24
N GLY A 113 18.01 -27.87 32.08
CA GLY A 113 19.00 -27.59 31.06
C GLY A 113 18.63 -26.42 30.16
N VAL A 114 19.65 -25.72 29.66
CA VAL A 114 19.42 -24.60 28.76
C VAL A 114 20.66 -24.36 27.91
N LYS A 115 20.45 -23.81 26.71
CA LYS A 115 21.59 -23.51 25.84
C LYS A 115 22.15 -22.13 26.17
N ASN A 116 23.47 -22.06 26.26
CA ASN A 116 24.12 -20.81 26.59
C ASN A 116 23.87 -19.74 25.53
N GLY A 117 23.65 -18.51 25.97
CA GLY A 117 23.51 -17.38 25.08
C GLY A 117 22.13 -17.17 24.49
N THR A 118 21.13 -17.85 25.04
CA THR A 118 19.80 -17.85 24.46
C THR A 118 18.79 -17.09 25.31
N ALA A 119 17.67 -16.73 24.69
CA ALA A 119 16.58 -16.09 25.42
C ALA A 119 16.01 -17.03 26.49
N SER A 120 16.03 -18.34 26.21
CA SER A 120 15.62 -19.32 27.21
C SER A 120 16.50 -19.23 28.45
N GLN A 121 17.80 -19.01 28.24
CA GLN A 121 18.71 -18.87 29.37
C GLN A 121 18.45 -17.62 30.19
N THR A 122 18.16 -16.51 29.52
CA THR A 122 17.80 -15.28 30.19
C THR A 122 16.57 -15.48 31.09
N PHE A 123 15.53 -16.08 30.52
CA PHE A 123 14.33 -16.34 31.32
C PHE A 123 14.66 -17.20 32.54
N LEU A 124 15.37 -18.31 32.33
CA LEU A 124 15.63 -19.22 33.44
C LEU A 124 16.46 -18.54 34.51
N THR A 125 17.42 -17.73 34.07
CA THR A 125 18.32 -17.12 35.01
C THR A 125 17.61 -16.08 35.84
N GLU A 126 16.73 -15.33 35.20
CA GLU A 126 15.96 -14.31 35.88
C GLU A 126 14.93 -14.86 36.85
N ASN A 127 14.47 -16.09 36.60
CA ASN A 127 13.43 -16.67 37.44
C ASN A 127 13.93 -17.72 38.43
N GLN A 128 15.24 -17.87 38.51
CA GLN A 128 15.83 -18.94 39.30
C GLN A 128 15.54 -18.78 40.79
N SER A 129 15.57 -17.55 41.31
CA SER A 129 15.34 -17.33 42.73
CA SER A 129 15.35 -17.33 42.73
C SER A 129 13.87 -17.57 43.07
N LYS A 130 13.00 -17.23 42.13
CA LYS A 130 11.56 -17.39 42.32
C LYS A 130 11.17 -18.86 42.49
N TYR A 131 11.76 -19.74 41.68
CA TYR A 131 11.31 -21.13 41.64
C TYR A 131 12.26 -22.15 42.26
N GLY A 132 13.54 -21.80 42.41
CA GLY A 132 14.47 -22.61 43.18
C GLY A 132 15.02 -23.85 42.49
N TYR A 133 15.08 -23.82 41.16
CA TYR A 133 15.71 -24.89 40.40
C TYR A 133 17.18 -24.61 40.22
N LYS A 134 17.93 -25.65 39.89
CA LYS A 134 19.30 -25.50 39.40
C LYS A 134 19.28 -25.39 37.88
N ILE A 135 20.30 -24.74 37.32
CA ILE A 135 20.42 -24.62 35.88
C ILE A 135 21.69 -25.34 35.44
N LYS A 136 21.58 -26.19 34.43
CA LYS A 136 22.75 -26.77 33.79
C LYS A 136 22.82 -26.20 32.38
N THR A 137 23.96 -25.59 32.07
CA THR A 137 24.15 -24.89 30.81
C THR A 137 24.87 -25.74 29.78
N PHE A 138 24.35 -25.71 28.56
CA PHE A 138 24.90 -26.47 27.45
C PHE A 138 25.33 -25.60 26.29
N ALA A 139 26.37 -26.05 25.60
CA ALA A 139 26.92 -25.32 24.47
C ALA A 139 26.15 -25.61 23.18
N ASP A 140 25.49 -26.76 23.13
CA ASP A 140 24.72 -27.13 21.95
C ASP A 140 23.48 -27.92 22.34
N GLY A 141 22.48 -27.91 21.48
CA GLY A 141 21.21 -28.58 21.76
C GLY A 141 21.31 -30.08 21.88
N SER A 142 22.15 -30.71 21.06
CA SER A 142 22.31 -32.17 21.11
C SER A 142 22.73 -32.66 22.49
N SER A 143 23.68 -31.97 23.10
CA SER A 143 24.17 -32.37 24.41
C SER A 143 23.06 -32.19 25.43
N MET A 144 22.32 -31.09 25.29
CA MET A 144 21.23 -30.79 26.20
C MET A 144 20.14 -31.86 26.15
N TYR A 145 19.71 -32.22 24.95
CA TYR A 145 18.63 -33.21 24.85
C TYR A 145 19.12 -34.62 25.19
N ASP A 146 20.42 -34.89 25.01
CA ASP A 146 20.99 -36.15 25.46
CA ASP A 146 20.98 -36.16 25.46
C ASP A 146 20.87 -36.25 26.98
N SER A 147 21.20 -35.15 27.65
CA SER A 147 21.13 -35.10 29.09
C SER A 147 19.68 -35.26 29.57
N LEU A 148 18.73 -34.62 28.90
CA LEU A 148 17.31 -34.78 29.25
C LEU A 148 16.92 -36.25 29.14
N ASN A 149 17.38 -36.89 28.08
CA ASN A 149 17.02 -38.28 27.80
C ASN A 149 17.50 -39.24 28.88
N THR A 150 18.72 -39.04 29.36
CA THR A 150 19.30 -39.93 30.36
C THR A 150 18.75 -39.66 31.75
N GLY A 151 18.06 -38.53 31.91
CA GLY A 151 17.50 -38.17 33.20
C GLY A 151 18.48 -37.38 34.05
N ALA A 152 19.58 -36.97 33.43
CA ALA A 152 20.62 -36.21 34.14
C ALA A 152 20.12 -34.81 34.50
N ILE A 153 19.26 -34.26 33.64
CA ILE A 153 18.49 -33.08 33.97
C ILE A 153 17.01 -33.45 33.94
N ASP A 154 16.18 -32.63 34.60
CA ASP A 154 14.76 -32.91 34.74
C ASP A 154 13.88 -32.25 33.68
N ALA A 155 14.43 -31.23 33.03
CA ALA A 155 13.67 -30.42 32.08
C ALA A 155 14.66 -29.62 31.26
N VAL A 156 14.15 -29.08 30.15
CA VAL A 156 14.90 -28.09 29.38
C VAL A 156 14.03 -26.87 29.17
N MET A 157 14.67 -25.75 28.88
CA MET A 157 13.98 -24.56 28.40
CA MET A 157 13.93 -24.62 28.36
C MET A 157 14.51 -24.25 27.00
N ASP A 158 13.62 -24.10 26.02
CA ASP A 158 14.06 -23.90 24.63
C ASP A 158 13.05 -23.07 23.85
N ASP A 159 13.41 -22.74 22.61
CA ASP A 159 12.50 -22.03 21.74
C ASP A 159 11.29 -22.89 21.43
N GLU A 160 10.11 -22.33 21.59
CA GLU A 160 8.88 -23.08 21.36
C GLU A 160 8.74 -23.65 19.93
N PRO A 161 9.05 -22.86 18.87
CA PRO A 161 8.85 -23.50 17.56
C PRO A 161 9.81 -24.67 17.32
N VAL A 162 10.99 -24.63 17.93
CA VAL A 162 11.96 -25.71 17.78
C VAL A 162 11.48 -26.95 18.51
N LEU A 163 11.05 -26.75 19.75
CA LEU A 163 10.53 -27.85 20.54
C LEU A 163 9.27 -28.44 19.93
N LYS A 164 8.32 -27.60 19.52
CA LYS A 164 7.07 -28.10 18.94
CA LYS A 164 7.07 -28.11 18.96
C LYS A 164 7.31 -28.82 17.62
N TYR A 165 8.27 -28.33 16.83
CA TYR A 165 8.58 -28.99 15.57
C TYR A 165 9.11 -30.39 15.84
N SER A 166 10.01 -30.48 16.82
CA SER A 166 10.59 -31.77 17.17
CA SER A 166 10.59 -31.75 17.20
C SER A 166 9.53 -32.74 17.69
N ILE A 167 8.60 -32.23 18.49
CA ILE A 167 7.52 -33.06 19.01
C ILE A 167 6.59 -33.48 17.86
N SER A 168 6.29 -32.54 16.97
CA SER A 168 5.46 -32.83 15.79
C SER A 168 6.10 -33.93 14.92
N GLN A 169 7.43 -33.95 14.92
CA GLN A 169 8.20 -34.90 14.13
C GLN A 169 8.34 -36.24 14.84
N GLY A 170 7.79 -36.32 16.04
CA GLY A 170 7.72 -37.59 16.75
C GLY A 170 8.54 -37.74 18.01
N GLN A 171 9.29 -36.71 18.40
CA GLN A 171 10.06 -36.81 19.63
C GLN A 171 9.13 -36.87 20.82
N LYS A 172 9.40 -37.78 21.73
CA LYS A 172 8.51 -38.06 22.84
C LYS A 172 8.74 -37.10 23.99
N LEU A 173 8.54 -35.81 23.71
CA LEU A 173 8.66 -34.77 24.73
C LEU A 173 7.32 -34.10 24.87
N LYS A 174 7.15 -33.33 25.94
CA LYS A 174 5.90 -32.60 26.12
C LYS A 174 6.16 -31.22 26.71
N THR A 175 5.17 -30.35 26.61
CA THR A 175 5.27 -28.98 27.04
C THR A 175 4.10 -28.69 27.98
N PRO A 176 4.31 -28.97 29.27
CA PRO A 176 3.21 -28.91 30.24
C PRO A 176 2.83 -27.49 30.70
N ILE A 177 3.66 -26.50 30.36
CA ILE A 177 3.43 -25.12 30.77
C ILE A 177 3.43 -24.18 29.56
N SER A 178 2.44 -23.29 29.47
CA SER A 178 2.40 -22.35 28.37
CA SER A 178 2.40 -22.33 28.37
C SER A 178 3.70 -21.54 28.30
N GLY A 179 4.09 -21.19 27.09
CA GLY A 179 5.33 -20.47 26.86
C GLY A 179 5.26 -19.02 27.28
N THR A 180 6.44 -18.41 27.39
CA THR A 180 6.58 -17.00 27.71
C THR A 180 7.10 -16.29 26.46
N PRO A 181 6.39 -15.23 26.04
CA PRO A 181 6.74 -14.51 24.81
CA PRO A 181 6.74 -14.50 24.82
C PRO A 181 8.13 -13.88 24.87
N ILE A 182 8.88 -14.04 23.79
CA ILE A 182 10.20 -13.41 23.71
C ILE A 182 10.27 -12.47 22.51
N GLY A 183 9.30 -12.57 21.60
CA GLY A 183 9.29 -11.65 20.47
C GLY A 183 8.29 -11.98 19.39
N GLU A 184 8.30 -11.18 18.34
CA GLU A 184 7.43 -11.39 17.20
C GLU A 184 8.24 -11.70 15.97
N THR A 185 7.60 -12.36 15.03
CA THR A 185 8.25 -12.83 13.82
C THR A 185 7.54 -12.20 12.65
N ALA A 186 8.28 -11.61 11.71
CA ALA A 186 7.61 -10.92 10.60
C ALA A 186 8.43 -10.94 9.32
N PHE A 187 7.73 -10.62 8.23
CA PHE A 187 8.32 -10.37 6.91
C PHE A 187 8.85 -8.93 6.89
N ALA A 188 9.89 -8.67 6.10
CA ALA A 188 10.46 -7.31 6.08
C ALA A 188 10.85 -6.86 4.70
N VAL A 189 10.77 -5.56 4.49
CA VAL A 189 11.30 -4.90 3.29
C VAL A 189 12.29 -3.84 3.75
N LYS A 190 13.09 -3.32 2.83
CA LYS A 190 13.97 -2.22 3.18
C LYS A 190 13.13 -1.02 3.62
N LYS A 191 13.54 -0.36 4.72
CA LYS A 191 12.83 0.82 5.21
C LYS A 191 12.58 1.80 4.07
N GLY A 192 11.31 2.14 3.87
CA GLY A 192 10.92 3.12 2.87
C GLY A 192 10.76 2.55 1.48
N ALA A 193 11.00 1.24 1.33
CA ALA A 193 10.97 0.62 0.02
C ALA A 193 9.83 -0.37 -0.07
N ASN A 194 9.38 -0.63 -1.29
CA ASN A 194 8.33 -1.62 -1.54
C ASN A 194 7.18 -1.62 -0.55
N PRO A 195 6.56 -0.44 -0.30
CA PRO A 195 5.50 -0.42 0.70
C PRO A 195 4.28 -1.25 0.29
N GLU A 196 4.06 -1.41 -1.00
CA GLU A 196 2.89 -2.15 -1.47
C GLU A 196 3.05 -3.64 -1.16
N LEU A 197 4.29 -4.11 -1.07
CA LEU A 197 4.53 -5.50 -0.73
C LEU A 197 4.18 -5.79 0.72
N ILE A 198 4.49 -4.84 1.61
CA ILE A 198 4.07 -4.97 3.00
C ILE A 198 2.55 -4.94 3.10
N GLU A 199 1.92 -4.02 2.37
CA GLU A 199 0.46 -3.92 2.33
C GLU A 199 -0.17 -5.25 1.90
N MET A 200 0.33 -5.82 0.83
CA MET A 200 -0.20 -7.10 0.34
C MET A 200 0.13 -8.26 1.26
N PHE A 201 1.29 -8.23 1.89
CA PHE A 201 1.60 -9.31 2.83
C PHE A 201 0.60 -9.30 3.97
N ASN A 202 0.36 -8.12 4.53
CA ASN A 202 -0.56 -8.02 5.65
C ASN A 202 -1.98 -8.41 5.26
N ASN A 203 -2.41 -8.01 4.06
CA ASN A 203 -3.74 -8.38 3.60
C ASN A 203 -3.84 -9.87 3.34
N GLY A 204 -2.80 -10.43 2.72
CA GLY A 204 -2.75 -11.86 2.44
C GLY A 204 -2.78 -12.65 3.74
N LEU A 205 -2.00 -12.20 4.72
CA LEU A 205 -1.97 -12.86 6.02
C LEU A 205 -3.35 -12.87 6.67
N ALA A 206 -4.02 -11.72 6.65
CA ALA A 206 -5.37 -11.63 7.23
C ALA A 206 -6.33 -12.57 6.52
N ASN A 207 -6.25 -12.62 5.19
CA ASN A 207 -7.12 -13.54 4.45
C ASN A 207 -6.87 -15.00 4.81
N LEU A 208 -5.59 -15.38 4.90
CA LEU A 208 -5.25 -16.76 5.24
C LEU A 208 -5.64 -17.11 6.67
N LYS A 209 -5.57 -16.13 7.57
CA LYS A 209 -6.07 -16.37 8.93
C LYS A 209 -7.59 -16.55 8.91
N ALA A 210 -8.29 -15.70 8.17
CA ALA A 210 -9.75 -15.70 8.21
C ALA A 210 -10.34 -17.01 7.66
N ASN A 211 -9.67 -17.64 6.68
CA ASN A 211 -10.27 -18.80 6.03
C ASN A 211 -9.65 -20.14 6.45
N GLY A 212 -8.78 -20.08 7.45
CA GLY A 212 -8.25 -21.30 8.06
C GLY A 212 -6.98 -21.83 7.43
N GLU A 213 -6.61 -21.30 6.28
CA GLU A 213 -5.42 -21.79 5.59
C GLU A 213 -4.13 -21.54 6.36
N PHE A 214 -4.06 -20.42 7.09
CA PHE A 214 -2.87 -20.10 7.87
C PHE A 214 -2.64 -21.16 8.95
N GLN A 215 -3.71 -21.48 9.66
CA GLN A 215 -3.62 -22.45 10.75
C GLN A 215 -3.20 -23.82 10.23
N LYS A 216 -3.63 -24.19 9.04
CA LYS A 216 -3.22 -25.46 8.46
C LYS A 216 -1.70 -25.52 8.21
N ILE A 217 -1.12 -24.41 7.78
CA ILE A 217 0.33 -24.35 7.56
C ILE A 217 1.04 -24.51 8.90
N LEU A 218 0.60 -23.75 9.90
CA LEU A 218 1.20 -23.87 11.23
C LEU A 218 1.09 -25.30 11.75
N ASP A 219 -0.09 -25.88 11.63
CA ASP A 219 -0.33 -27.21 12.18
C ASP A 219 0.58 -28.28 11.57
N LYS A 220 0.93 -28.10 10.30
CA LYS A 220 1.74 -29.07 9.59
C LYS A 220 3.10 -29.21 10.27
N TYR A 221 3.65 -28.08 10.71
CA TYR A 221 4.98 -28.04 11.28
C TYR A 221 5.00 -28.14 12.80
N LEU A 222 3.94 -27.66 13.44
CA LEU A 222 3.99 -27.49 14.88
C LEU A 222 2.98 -28.35 15.63
N ALA A 223 2.18 -29.12 14.91
CA ALA A 223 1.16 -29.94 15.55
C ALA A 223 0.99 -31.32 14.92
N LYS B 2 1.52 3.84 8.82
CA LYS B 2 1.66 5.11 8.12
C LYS B 2 0.84 6.22 8.79
N ALA B 3 1.35 7.45 8.75
CA ALA B 3 0.66 8.58 9.33
C ALA B 3 -0.44 9.10 8.39
N LYS B 4 -0.03 9.70 7.27
CA LYS B 4 -0.98 10.24 6.31
C LYS B 4 -0.56 9.91 4.88
N TYR B 5 -1.52 9.92 3.96
CA TYR B 5 -1.20 9.86 2.55
C TYR B 5 -0.85 11.26 2.04
N ILE B 6 0.22 11.35 1.25
CA ILE B 6 0.58 12.62 0.63
C ILE B 6 -0.06 12.75 -0.74
N ILE B 7 -0.88 13.79 -0.91
CA ILE B 7 -1.60 14.00 -2.16
C ILE B 7 -1.10 15.26 -2.83
N ALA B 8 -0.55 15.11 -4.03
CA ALA B 8 0.07 16.23 -4.72
C ALA B 8 -0.87 16.76 -5.80
N SER B 9 -0.91 18.08 -5.95
CA SER B 9 -1.84 18.68 -6.90
C SER B 9 -1.23 19.87 -7.64
N ASP B 10 -1.98 20.44 -8.58
CA ASP B 10 -1.58 21.66 -9.26
C ASP B 10 -1.79 22.84 -8.32
N SER B 11 -1.32 24.01 -8.75
CA SER B 11 -1.53 25.23 -7.99
C SER B 11 -2.54 26.16 -8.67
N SER B 12 -2.69 26.03 -9.98
CA SER B 12 -3.51 26.99 -10.71
C SER B 12 -4.23 26.33 -11.89
N PHE B 13 -5.34 25.69 -11.59
CA PHE B 13 -6.10 24.94 -12.59
C PHE B 13 -7.57 25.00 -12.24
N ALA B 14 -8.14 26.20 -12.26
CA ALA B 14 -9.55 26.40 -11.90
C ALA B 14 -10.43 25.72 -12.95
N PRO B 15 -11.56 25.11 -12.52
CA PRO B 15 -12.13 25.04 -11.18
C PRO B 15 -11.66 23.86 -10.33
N PHE B 16 -10.72 23.07 -10.81
CA PHE B 16 -10.30 21.87 -10.08
C PHE B 16 -9.45 22.21 -8.85
N VAL B 17 -8.51 23.12 -9.01
CA VAL B 17 -7.69 23.51 -7.88
C VAL B 17 -7.13 24.90 -8.17
N PHE B 18 -7.30 25.79 -7.21
CA PHE B 18 -6.86 27.16 -7.37
C PHE B 18 -6.80 27.86 -6.02
N GLN B 19 -6.11 29.00 -5.96
CA GLN B 19 -5.99 29.73 -4.70
C GLN B 19 -7.19 30.67 -4.51
N ASN B 20 -7.82 30.62 -3.34
CA ASN B 20 -8.90 31.57 -3.07
C ASN B 20 -8.35 32.87 -2.50
N SER B 21 -9.25 33.76 -2.05
CA SER B 21 -8.83 35.08 -1.59
C SER B 21 -8.20 35.02 -0.20
N SER B 22 -8.29 33.85 0.44
CA SER B 22 -7.68 33.64 1.75
C SER B 22 -6.32 32.96 1.62
N ASN B 23 -5.83 32.88 0.39
CA ASN B 23 -4.54 32.25 0.07
C ASN B 23 -4.51 30.74 0.34
N GLN B 24 -5.68 30.11 0.35
CA GLN B 24 -5.77 28.67 0.51
C GLN B 24 -6.12 28.04 -0.84
N TYR B 25 -5.68 26.81 -1.05
CA TYR B 25 -6.06 26.09 -2.27
C TYR B 25 -7.40 25.42 -2.06
N THR B 26 -8.31 25.74 -2.98
CA THR B 26 -9.68 25.24 -2.95
C THR B 26 -9.98 24.68 -4.34
N GLY B 27 -11.24 24.41 -4.64
CA GLY B 27 -11.59 23.85 -5.93
C GLY B 27 -12.23 22.49 -5.80
N ILE B 28 -12.78 21.99 -6.91
CA ILE B 28 -13.42 20.68 -6.92
C ILE B 28 -12.54 19.57 -6.34
N ASP B 29 -11.28 19.53 -6.76
CA ASP B 29 -10.37 18.45 -6.35
C ASP B 29 -10.04 18.53 -4.88
N MET B 30 -9.87 19.75 -4.40
CA MET B 30 -9.49 19.95 -3.02
C MET B 30 -10.64 19.53 -2.10
N GLU B 31 -11.84 19.97 -2.42
CA GLU B 31 -12.99 19.57 -1.61
C GLU B 31 -13.26 18.07 -1.73
N LEU B 32 -13.04 17.51 -2.92
CA LEU B 32 -13.34 16.10 -3.14
C LEU B 32 -12.40 15.19 -2.35
N ILE B 33 -11.10 15.43 -2.44
CA ILE B 33 -10.16 14.56 -1.74
C ILE B 33 -10.32 14.68 -0.21
N LYS B 34 -10.60 15.89 0.27
CA LYS B 34 -10.86 16.06 1.71
C LYS B 34 -12.12 15.32 2.16
N ALA B 35 -13.17 15.38 1.34
CA ALA B 35 -14.44 14.72 1.69
C ALA B 35 -14.28 13.20 1.63
N ILE B 36 -13.52 12.72 0.66
CA ILE B 36 -13.25 11.29 0.55
C ILE B 36 -12.42 10.79 1.73
N ALA B 37 -11.40 11.55 2.12
CA ALA B 37 -10.58 11.17 3.27
C ALA B 37 -11.44 11.06 4.53
N LYS B 38 -12.30 12.05 4.72
CA LYS B 38 -13.13 12.10 5.90
C LYS B 38 -14.06 10.89 5.92
N ASP B 39 -14.70 10.63 4.78
CA ASP B 39 -15.64 9.53 4.63
C ASP B 39 -14.99 8.19 4.88
N GLN B 40 -13.78 8.03 4.37
CA GLN B 40 -13.11 6.73 4.41
C GLN B 40 -12.24 6.54 5.63
N GLY B 41 -12.04 7.62 6.39
CA GLY B 41 -11.32 7.54 7.64
C GLY B 41 -9.81 7.45 7.51
N PHE B 42 -9.25 8.08 6.48
CA PHE B 42 -7.79 8.22 6.38
C PHE B 42 -7.38 9.67 6.37
N GLU B 43 -6.11 9.92 6.66
CA GLU B 43 -5.61 11.29 6.75
C GLU B 43 -4.79 11.64 5.52
N ILE B 44 -4.80 12.92 5.15
CA ILE B 44 -3.99 13.37 4.03
C ILE B 44 -3.17 14.61 4.34
N GLU B 45 -2.06 14.76 3.62
CA GLU B 45 -1.36 16.04 3.54
C GLU B 45 -1.39 16.45 2.08
N ILE B 46 -1.92 17.63 1.79
CA ILE B 46 -2.01 18.07 0.41
C ILE B 46 -0.88 19.03 0.07
N THR B 47 -0.22 18.79 -1.06
CA THR B 47 0.77 19.72 -1.56
C THR B 47 0.31 20.24 -2.90
N ASN B 48 0.79 21.43 -3.26
CA ASN B 48 0.37 22.03 -4.51
C ASN B 48 1.55 22.52 -5.32
N PRO B 49 2.46 21.60 -5.70
CA PRO B 49 3.72 21.98 -6.36
C PRO B 49 3.60 22.24 -7.85
N GLY B 50 2.43 21.98 -8.42
CA GLY B 50 2.23 22.12 -9.85
C GLY B 50 2.03 20.75 -10.46
N PHE B 51 1.37 20.70 -11.61
CA PHE B 51 0.99 19.43 -12.21
C PHE B 51 2.20 18.57 -12.59
N ASP B 52 3.15 19.16 -13.33
CA ASP B 52 4.33 18.41 -13.72
C ASP B 52 5.11 17.94 -12.48
N ALA B 53 5.24 18.81 -11.47
CA ALA B 53 5.96 18.43 -10.26
C ALA B 53 5.22 17.35 -9.47
N ALA B 54 3.88 17.41 -9.46
CA ALA B 54 3.08 16.40 -8.79
C ALA B 54 3.28 15.04 -9.45
N ILE B 55 3.26 15.01 -10.78
CA ILE B 55 3.59 13.79 -11.53
C ILE B 55 4.96 13.23 -11.13
N SER B 56 5.98 14.09 -11.10
CA SER B 56 7.31 13.67 -10.69
CA SER B 56 7.31 13.66 -10.70
C SER B 56 7.30 13.06 -9.30
N ALA B 57 6.58 13.71 -8.38
CA ALA B 57 6.58 13.27 -6.98
C ALA B 57 5.93 11.91 -6.79
N VAL B 58 4.81 11.68 -7.48
CA VAL B 58 4.15 10.37 -7.38
C VAL B 58 5.06 9.30 -8.03
N GLN B 59 5.65 9.62 -9.17
CA GLN B 59 6.48 8.65 -9.87
C GLN B 59 7.76 8.33 -9.08
N ALA B 60 8.23 9.30 -8.29
CA ALA B 60 9.45 9.10 -7.51
C ALA B 60 9.18 8.49 -6.13
N GLY B 61 7.91 8.31 -5.78
CA GLY B 61 7.56 7.72 -4.50
C GLY B 61 7.47 8.70 -3.34
N GLN B 62 7.50 9.99 -3.65
CA GLN B 62 7.48 11.02 -2.62
C GLN B 62 6.07 11.55 -2.33
N ALA B 63 5.14 11.29 -3.23
CA ALA B 63 3.72 11.54 -2.99
C ALA B 63 2.98 10.25 -3.28
N ASP B 64 1.82 10.04 -2.67
CA ASP B 64 1.10 8.78 -2.83
C ASP B 64 0.08 8.86 -3.94
N GLY B 65 -0.51 10.03 -4.13
CA GLY B 65 -1.47 10.18 -5.20
C GLY B 65 -1.46 11.59 -5.76
N ILE B 66 -2.02 11.73 -6.95
CA ILE B 66 -2.20 13.04 -7.58
C ILE B 66 -3.68 13.27 -7.90
N ILE B 67 -4.14 14.47 -7.61
CA ILE B 67 -5.46 14.87 -8.05
C ILE B 67 -5.27 16.29 -8.56
N ALA B 68 -5.59 16.53 -9.82
CA ALA B 68 -5.35 17.83 -10.44
C ALA B 68 -6.08 17.95 -11.75
N GLY B 69 -7.38 17.67 -11.74
CA GLY B 69 -8.16 17.63 -12.97
C GLY B 69 -7.46 16.80 -14.04
N MET B 70 -6.97 15.63 -13.62
CA MET B 70 -6.07 14.84 -14.45
C MET B 70 -6.80 13.95 -15.44
N SER B 71 -6.50 14.13 -16.73
CA SER B 71 -7.06 13.33 -17.79
C SER B 71 -6.58 11.88 -17.77
N VAL B 72 -7.51 10.95 -17.87
CA VAL B 72 -7.17 9.54 -18.04
C VAL B 72 -6.76 9.33 -19.50
N THR B 73 -5.52 8.93 -19.75
CA THR B 73 -5.07 8.59 -21.10
C THR B 73 -4.41 7.21 -21.11
N ASP B 74 -4.38 6.59 -22.28
CA ASP B 74 -3.80 5.26 -22.41
C ASP B 74 -2.32 5.32 -22.10
N ALA B 75 -1.66 6.37 -22.57
CA ALA B 75 -0.23 6.56 -22.33
C ALA B 75 0.07 6.62 -20.84
N ARG B 76 -0.77 7.32 -20.10
CA ARG B 76 -0.55 7.49 -18.66
C ARG B 76 -0.78 6.22 -17.87
N LYS B 77 -1.62 5.32 -18.40
CA LYS B 77 -1.83 4.05 -17.72
C LYS B 77 -0.57 3.18 -17.67
N ALA B 78 0.43 3.55 -18.46
CA ALA B 78 1.69 2.82 -18.44
C ALA B 78 2.43 3.07 -17.13
N THR B 79 2.20 4.23 -16.51
CA THR B 79 2.92 4.56 -15.28
C THR B 79 2.03 4.90 -14.09
N PHE B 80 0.74 5.11 -14.36
CA PHE B 80 -0.23 5.40 -13.31
C PHE B 80 -1.34 4.36 -13.23
N ASP B 81 -1.81 4.11 -12.01
CA ASP B 81 -3.11 3.46 -11.83
C ASP B 81 -4.16 4.54 -11.53
N PHE B 82 -5.24 4.57 -12.31
CA PHE B 82 -6.28 5.58 -12.12
C PHE B 82 -7.43 5.07 -11.26
N SER B 83 -8.03 5.99 -10.52
CA SER B 83 -9.33 5.74 -9.86
C SER B 83 -10.43 5.67 -10.90
N GLU B 84 -11.64 5.34 -10.44
CA GLU B 84 -12.82 5.57 -11.25
C GLU B 84 -12.95 7.06 -11.58
N SER B 85 -13.54 7.37 -12.72
CA SER B 85 -13.71 8.75 -13.12
C SER B 85 -14.68 9.51 -12.20
N TYR B 86 -14.28 10.73 -11.82
CA TYR B 86 -15.15 11.57 -11.00
C TYR B 86 -15.70 12.72 -11.81
N TYR B 87 -15.27 12.84 -13.06
CA TYR B 87 -15.80 13.89 -13.91
C TYR B 87 -15.56 13.55 -15.38
N THR B 88 -16.64 13.55 -16.17
CA THR B 88 -16.51 13.37 -17.61
C THR B 88 -16.20 14.70 -18.27
N ALA B 89 -15.01 14.78 -18.85
CA ALA B 89 -14.52 16.00 -19.48
C ALA B 89 -15.04 16.14 -20.90
N ASN B 90 -15.69 17.27 -21.16
CA ASN B 90 -16.26 17.59 -22.46
C ASN B 90 -15.55 18.79 -23.08
N THR B 91 -15.57 18.87 -24.40
CA THR B 91 -15.30 20.13 -25.08
C THR B 91 -16.66 20.74 -25.42
N ILE B 92 -16.75 22.06 -25.33
CA ILE B 92 -18.04 22.72 -25.49
C ILE B 92 -17.85 24.10 -26.11
N LEU B 93 -18.87 24.55 -26.85
CA LEU B 93 -18.82 25.86 -27.48
C LEU B 93 -19.23 26.93 -26.48
N GLY B 94 -18.51 28.04 -26.48
CA GLY B 94 -18.90 29.18 -25.65
C GLY B 94 -19.11 30.39 -26.54
N VAL B 95 -20.17 31.14 -26.24
CA VAL B 95 -20.46 32.38 -26.97
C VAL B 95 -20.93 33.43 -25.99
N LYS B 96 -20.86 34.70 -26.39
CA LYS B 96 -21.44 35.76 -25.57
C LYS B 96 -22.93 35.52 -25.46
N GLU B 97 -23.53 35.92 -24.34
CA GLU B 97 -24.96 35.69 -24.12
C GLU B 97 -25.80 36.35 -25.22
N SER B 98 -25.26 37.42 -25.81
CA SER B 98 -25.95 38.15 -26.88
C SER B 98 -25.96 37.41 -28.22
N SER B 99 -25.05 36.45 -28.38
CA SER B 99 -24.91 35.73 -29.65
C SER B 99 -26.19 34.98 -30.04
N ASN B 100 -26.44 34.86 -31.34
CA ASN B 100 -27.59 34.11 -31.85
C ASN B 100 -27.28 32.68 -32.23
N ILE B 101 -26.01 32.30 -32.10
CA ILE B 101 -25.57 30.95 -32.40
C ILE B 101 -26.23 29.91 -31.48
N ALA B 102 -26.91 28.94 -32.07
CA ALA B 102 -27.60 27.90 -31.29
C ALA B 102 -27.32 26.47 -31.78
N SER B 103 -26.43 26.31 -32.75
CA SER B 103 -26.07 25.00 -33.28
C SER B 103 -24.73 25.11 -34.00
N TYR B 104 -24.10 23.96 -34.27
CA TYR B 104 -22.85 23.98 -35.03
C TYR B 104 -23.14 24.48 -36.45
N GLU B 105 -24.36 24.24 -36.90
CA GLU B 105 -24.78 24.68 -38.22
C GLU B 105 -24.81 26.20 -38.31
N ASP B 106 -25.13 26.85 -37.20
CA ASP B 106 -25.10 28.32 -37.15
C ASP B 106 -23.68 28.85 -37.24
N LEU B 107 -22.70 27.97 -37.09
CA LEU B 107 -21.31 28.42 -37.14
C LEU B 107 -20.78 28.64 -38.55
N LYS B 108 -21.55 28.26 -39.56
CA LYS B 108 -21.08 28.44 -40.93
C LYS B 108 -20.76 29.91 -41.15
N GLY B 109 -19.54 30.18 -41.62
CA GLY B 109 -19.12 31.53 -41.93
C GLY B 109 -18.58 32.30 -40.74
N LYS B 110 -18.68 31.70 -39.56
CA LYS B 110 -18.23 32.37 -38.35
C LYS B 110 -16.82 31.96 -38.02
N THR B 111 -16.19 32.71 -37.12
CA THR B 111 -14.84 32.39 -36.69
C THR B 111 -14.87 31.91 -35.26
N VAL B 112 -14.32 30.72 -35.05
CA VAL B 112 -14.29 30.09 -33.74
C VAL B 112 -12.87 30.05 -33.21
N GLY B 113 -12.66 30.54 -32.01
CA GLY B 113 -11.33 30.51 -31.42
C GLY B 113 -11.07 29.21 -30.64
N VAL B 114 -9.80 28.83 -30.53
CA VAL B 114 -9.44 27.61 -29.82
C VAL B 114 -7.99 27.67 -29.40
N LYS B 115 -7.68 27.01 -28.29
CA LYS B 115 -6.30 26.98 -27.81
C LYS B 115 -5.51 25.89 -28.50
N ASN B 116 -4.32 26.25 -28.96
CA ASN B 116 -3.44 25.32 -29.65
C ASN B 116 -3.04 24.14 -28.77
N GLY B 117 -2.98 22.96 -29.39
CA GLY B 117 -2.53 21.76 -28.71
C GLY B 117 -3.54 21.12 -27.77
N THR B 118 -4.81 21.47 -27.92
CA THR B 118 -5.86 20.98 -27.02
C THR B 118 -6.82 20.00 -27.68
N ALA B 119 -7.56 19.28 -26.85
CA ALA B 119 -8.61 18.38 -27.32
C ALA B 119 -9.72 19.18 -28.03
N SER B 120 -9.99 20.39 -27.56
CA SER B 120 -10.95 21.28 -28.20
C SER B 120 -10.52 21.60 -29.63
N GLN B 121 -9.22 21.84 -29.81
CA GLN B 121 -8.69 22.06 -31.14
C GLN B 121 -8.85 20.85 -32.04
N THR B 122 -8.51 19.68 -31.50
CA THR B 122 -8.68 18.46 -32.25
C THR B 122 -10.11 18.33 -32.76
N PHE B 123 -11.08 18.56 -31.88
CA PHE B 123 -12.50 18.48 -32.25
C PHE B 123 -12.85 19.48 -33.34
N LEU B 124 -12.48 20.74 -33.13
CA LEU B 124 -12.81 21.78 -34.10
C LEU B 124 -12.20 21.53 -35.47
N THR B 125 -10.94 21.07 -35.47
CA THR B 125 -10.24 20.76 -36.70
C THR B 125 -10.91 19.63 -37.46
N GLU B 126 -11.29 18.58 -36.74
CA GLU B 126 -11.91 17.43 -37.37
C GLU B 126 -13.29 17.77 -37.94
N ASN B 127 -13.97 18.75 -37.37
CA ASN B 127 -15.34 19.06 -37.79
C ASN B 127 -15.48 20.32 -38.64
N GLN B 128 -14.36 20.87 -39.10
CA GLN B 128 -14.41 22.11 -39.85
C GLN B 128 -15.13 21.94 -41.19
N SER B 129 -14.83 20.85 -41.91
CA SER B 129 -15.44 20.61 -43.22
C SER B 129 -16.95 20.49 -43.08
N LYS B 130 -17.37 19.91 -41.98
CA LYS B 130 -18.78 19.61 -41.77
C LYS B 130 -19.60 20.90 -41.66
N TYR B 131 -19.12 21.83 -40.84
CA TYR B 131 -19.91 23.01 -40.48
C TYR B 131 -19.45 24.31 -41.15
N GLY B 132 -18.22 24.35 -41.65
CA GLY B 132 -17.80 25.47 -42.46
C GLY B 132 -17.49 26.77 -41.73
N TYR B 133 -17.07 26.65 -40.48
CA TYR B 133 -16.52 27.80 -39.76
C TYR B 133 -15.05 27.97 -40.07
N LYS B 134 -14.51 29.13 -39.69
CA LYS B 134 -13.09 29.38 -39.71
C LYS B 134 -12.54 29.22 -38.29
N ILE B 135 -11.32 28.71 -38.16
CA ILE B 135 -10.71 28.57 -36.84
C ILE B 135 -9.64 29.62 -36.65
N LYS B 136 -9.66 30.27 -35.50
CA LYS B 136 -8.54 31.13 -35.13
C LYS B 136 -7.88 30.49 -33.92
N THR B 137 -6.58 30.27 -34.02
CA THR B 137 -5.85 29.53 -33.01
C THR B 137 -5.09 30.46 -32.09
N PHE B 138 -5.13 30.16 -30.78
CA PHE B 138 -4.45 30.97 -29.77
C PHE B 138 -3.48 30.14 -28.95
N ALA B 139 -2.39 30.76 -28.48
CA ALA B 139 -1.38 30.05 -27.70
C ALA B 139 -1.86 29.82 -26.27
N ASP B 140 -2.73 30.70 -25.78
CA ASP B 140 -3.31 30.46 -24.47
C ASP B 140 -4.71 31.02 -24.35
N GLY B 141 -5.36 30.64 -23.25
CA GLY B 141 -6.73 31.02 -23.00
C GLY B 141 -6.94 32.50 -22.88
N SER B 142 -6.01 33.22 -22.24
CA SER B 142 -6.19 34.64 -22.03
C SER B 142 -6.34 35.39 -23.33
N SER B 143 -5.53 35.02 -24.32
CA SER B 143 -5.59 35.68 -25.61
C SER B 143 -6.88 35.33 -26.33
N MET B 144 -7.28 34.08 -26.23
CA MET B 144 -8.53 33.61 -26.87
C MET B 144 -9.73 34.39 -26.35
N TYR B 145 -9.86 34.50 -25.03
CA TYR B 145 -11.03 35.19 -24.48
C TYR B 145 -10.94 36.70 -24.67
N ASP B 146 -9.73 37.24 -24.77
CA ASP B 146 -9.63 38.66 -25.11
C ASP B 146 -10.17 38.88 -26.52
N SER B 147 -9.89 37.95 -27.42
CA SER B 147 -10.37 38.03 -28.79
CA SER B 147 -10.37 38.06 -28.79
C SER B 147 -11.89 37.90 -28.84
N LEU B 148 -12.45 37.04 -28.00
CA LEU B 148 -13.90 36.91 -27.94
C LEU B 148 -14.49 38.23 -27.45
N ASN B 149 -13.86 38.79 -26.42
CA ASN B 149 -14.30 40.03 -25.82
C ASN B 149 -14.36 41.20 -26.82
N THR B 150 -13.30 41.35 -27.60
CA THR B 150 -13.22 42.45 -28.54
C THR B 150 -14.12 42.28 -29.75
N GLY B 151 -14.49 41.02 -30.04
CA GLY B 151 -15.34 40.74 -31.19
C GLY B 151 -14.60 40.16 -32.40
N ALA B 152 -13.29 39.96 -32.25
CA ALA B 152 -12.49 39.42 -33.35
C ALA B 152 -12.92 38.01 -33.74
N ILE B 153 -13.38 37.25 -32.75
CA ILE B 153 -13.94 35.93 -33.01
C ILE B 153 -15.39 35.89 -32.49
N ASP B 154 -16.16 34.94 -33.02
CA ASP B 154 -17.60 34.85 -32.70
C ASP B 154 -17.95 33.82 -31.64
N ALA B 155 -17.00 32.96 -31.33
CA ALA B 155 -17.23 31.86 -30.39
C ALA B 155 -15.89 31.28 -29.97
N VAL B 156 -15.91 30.48 -28.91
CA VAL B 156 -14.76 29.67 -28.55
C VAL B 156 -15.15 28.22 -28.40
N MET B 157 -14.16 27.34 -28.50
CA MET B 157 -14.33 25.95 -28.12
C MET B 157 -13.34 25.70 -27.00
N ASP B 158 -13.81 25.24 -25.84
CA ASP B 158 -12.94 25.11 -24.68
C ASP B 158 -13.41 23.96 -23.78
N ASP B 159 -12.62 23.66 -22.77
CA ASP B 159 -13.02 22.65 -21.78
C ASP B 159 -14.28 23.06 -21.04
N GLU B 160 -15.25 22.15 -20.97
CA GLU B 160 -16.52 22.49 -20.35
C GLU B 160 -16.38 23.01 -18.90
N PRO B 161 -15.54 22.38 -18.06
CA PRO B 161 -15.50 22.90 -16.69
C PRO B 161 -14.96 24.33 -16.60
N VAL B 162 -14.10 24.70 -17.54
CA VAL B 162 -13.54 26.04 -17.56
C VAL B 162 -14.61 27.06 -17.93
N LEU B 163 -15.36 26.80 -19.00
CA LEU B 163 -16.46 27.70 -19.36
C LEU B 163 -17.54 27.75 -18.29
N LYS B 164 -17.95 26.58 -17.78
CA LYS B 164 -19.00 26.57 -16.78
C LYS B 164 -18.58 27.31 -15.51
N TYR B 165 -17.31 27.20 -15.13
CA TYR B 165 -16.85 27.95 -13.95
C TYR B 165 -16.95 29.45 -14.23
N SER B 166 -16.53 29.87 -15.42
CA SER B 166 -16.60 31.27 -15.79
CA SER B 166 -16.59 31.26 -15.82
C SER B 166 -18.03 31.79 -15.73
N ILE B 167 -18.96 31.02 -16.27
CA ILE B 167 -20.37 31.38 -16.25
C ILE B 167 -20.93 31.39 -14.81
N SER B 168 -20.56 30.40 -14.01
CA SER B 168 -20.96 30.34 -12.60
C SER B 168 -20.42 31.56 -11.84
N GLN B 169 -19.24 32.04 -12.25
CA GLN B 169 -18.62 33.21 -11.63
C GLN B 169 -19.25 34.53 -12.08
N GLY B 170 -20.13 34.46 -13.07
CA GLY B 170 -20.89 35.63 -13.50
C GLY B 170 -20.54 36.21 -14.86
N GLN B 171 -19.64 35.56 -15.59
CA GLN B 171 -19.29 36.03 -16.94
C GLN B 171 -20.48 35.85 -17.88
N LYS B 172 -20.74 36.84 -18.71
CA LYS B 172 -21.91 36.78 -19.59
C LYS B 172 -21.63 35.94 -20.84
N LEU B 173 -21.37 34.66 -20.60
CA LEU B 173 -21.20 33.68 -21.67
C LEU B 173 -22.34 32.67 -21.58
N LYS B 174 -22.54 31.91 -22.64
CA LYS B 174 -23.49 30.82 -22.60
C LYS B 174 -22.99 29.64 -23.42
N THR B 175 -23.58 28.47 -23.18
CA THR B 175 -23.21 27.26 -23.89
C THR B 175 -24.45 26.65 -24.52
N PRO B 176 -24.78 27.07 -25.74
CA PRO B 176 -26.04 26.71 -26.41
C PRO B 176 -26.11 25.29 -26.96
N ILE B 177 -24.98 24.59 -26.96
CA ILE B 177 -24.87 23.26 -27.55
C ILE B 177 -24.24 22.31 -26.56
N SER B 178 -24.86 21.15 -26.35
CA SER B 178 -24.33 20.17 -25.41
C SER B 178 -22.89 19.82 -25.76
N GLY B 179 -22.12 19.51 -24.73
CA GLY B 179 -20.71 19.23 -24.95
C GLY B 179 -20.45 17.87 -25.58
N THR B 180 -19.26 17.71 -26.13
CA THR B 180 -18.78 16.43 -26.66
C THR B 180 -17.71 15.82 -25.75
N PRO B 181 -17.88 14.57 -25.32
CA PRO B 181 -16.89 14.01 -24.40
C PRO B 181 -15.51 13.85 -25.02
N ILE B 182 -14.47 14.21 -24.28
CA ILE B 182 -13.10 14.02 -24.75
C ILE B 182 -12.33 13.09 -23.84
N GLY B 183 -12.88 12.78 -22.67
CA GLY B 183 -12.23 11.85 -21.77
C GLY B 183 -12.74 11.88 -20.33
N GLU B 184 -12.07 11.11 -19.48
CA GLU B 184 -12.44 11.04 -18.08
C GLU B 184 -11.40 11.75 -17.22
N THR B 185 -11.81 12.07 -15.99
CA THR B 185 -10.94 12.76 -15.04
C THR B 185 -10.83 11.91 -13.80
N ALA B 186 -9.61 11.68 -13.31
CA ALA B 186 -9.45 10.74 -12.23
C ALA B 186 -8.29 11.05 -11.30
N PHE B 187 -8.37 10.49 -10.10
CA PHE B 187 -7.26 10.46 -9.15
C PHE B 187 -6.29 9.37 -9.59
N ALA B 188 -5.01 9.51 -9.28
CA ALA B 188 -4.05 8.49 -9.73
C ALA B 188 -2.97 8.23 -8.71
N VAL B 189 -2.45 7.01 -8.76
CA VAL B 189 -1.32 6.57 -7.96
C VAL B 189 -0.29 6.00 -8.90
N LYS B 190 0.93 5.81 -8.42
CA LYS B 190 1.94 5.16 -9.24
CA LYS B 190 1.94 5.18 -9.25
C LYS B 190 1.48 3.75 -9.53
N LYS B 191 1.64 3.32 -10.77
CA LYS B 191 1.20 1.98 -11.16
C LYS B 191 1.77 0.89 -10.25
N GLY B 192 0.86 0.09 -9.69
CA GLY B 192 1.25 -1.03 -8.85
C GLY B 192 1.41 -0.64 -7.40
N ALA B 193 1.33 0.65 -7.14
CA ALA B 193 1.50 1.18 -5.78
C ALA B 193 0.17 1.59 -5.17
N ASN B 194 0.17 1.74 -3.85
CA ASN B 194 -0.99 2.20 -3.09
C ASN B 194 -2.37 1.66 -3.52
N PRO B 195 -2.50 0.33 -3.57
CA PRO B 195 -3.77 -0.23 -4.04
C PRO B 195 -4.92 0.12 -3.08
N GLU B 196 -4.60 0.16 -1.79
CA GLU B 196 -5.60 0.50 -0.78
C GLU B 196 -6.11 1.93 -0.94
N LEU B 197 -5.22 2.84 -1.32
CA LEU B 197 -5.62 4.23 -1.53
C LEU B 197 -6.63 4.33 -2.67
N ILE B 198 -6.35 3.63 -3.77
CA ILE B 198 -7.30 3.60 -4.90
C ILE B 198 -8.64 3.02 -4.46
N GLU B 199 -8.61 1.91 -3.72
CA GLU B 199 -9.84 1.28 -3.31
C GLU B 199 -10.67 2.22 -2.45
N MET B 200 -10.02 2.93 -1.53
CA MET B 200 -10.73 3.84 -0.64
C MET B 200 -11.23 5.07 -1.39
N PHE B 201 -10.45 5.56 -2.34
CA PHE B 201 -10.90 6.69 -3.14
C PHE B 201 -12.17 6.28 -3.90
N ASN B 202 -12.15 5.11 -4.50
CA ASN B 202 -13.30 4.67 -5.29
C ASN B 202 -14.53 4.50 -4.43
N ASN B 203 -14.34 3.90 -3.26
CA ASN B 203 -15.45 3.71 -2.31
C ASN B 203 -15.99 5.05 -1.81
N GLY B 204 -15.09 5.97 -1.45
CA GLY B 204 -15.52 7.28 -1.01
C GLY B 204 -16.23 8.06 -2.10
N LEU B 205 -15.67 8.03 -3.30
CA LEU B 205 -16.30 8.69 -4.44
C LEU B 205 -17.72 8.14 -4.65
N ALA B 206 -17.88 6.82 -4.57
CA ALA B 206 -19.20 6.24 -4.80
C ALA B 206 -20.18 6.70 -3.73
N ASN B 207 -19.68 6.82 -2.50
CA ASN B 207 -20.55 7.23 -1.39
C ASN B 207 -21.00 8.66 -1.58
N LEU B 208 -20.06 9.53 -1.94
CA LEU B 208 -20.38 10.94 -2.13
C LEU B 208 -21.28 11.15 -3.34
N LYS B 209 -21.12 10.34 -4.38
CA LYS B 209 -22.02 10.45 -5.52
C LYS B 209 -23.44 10.04 -5.10
N ALA B 210 -23.54 8.97 -4.31
CA ALA B 210 -24.83 8.41 -3.91
C ALA B 210 -25.62 9.32 -2.98
N ASN B 211 -24.93 10.01 -2.07
CA ASN B 211 -25.64 10.74 -1.03
C ASN B 211 -25.83 12.21 -1.33
N GLY B 212 -25.43 12.63 -2.54
CA GLY B 212 -25.69 13.97 -3.00
C GLY B 212 -24.60 14.98 -2.68
N GLU B 213 -23.64 14.58 -1.86
CA GLU B 213 -22.60 15.53 -1.45
C GLU B 213 -21.67 15.88 -2.60
N PHE B 214 -21.40 14.94 -3.50
CA PHE B 214 -20.51 15.27 -4.62
C PHE B 214 -21.17 16.28 -5.56
N GLN B 215 -22.45 16.07 -5.86
CA GLN B 215 -23.16 17.02 -6.72
C GLN B 215 -23.14 18.42 -6.13
N LYS B 216 -23.18 18.51 -4.81
CA LYS B 216 -23.10 19.82 -4.16
C LYS B 216 -21.76 20.51 -4.40
N ILE B 217 -20.68 19.72 -4.36
CA ILE B 217 -19.35 20.23 -4.68
C ILE B 217 -19.30 20.72 -6.13
N LEU B 218 -19.77 19.88 -7.06
CA LEU B 218 -19.80 20.29 -8.47
C LEU B 218 -20.59 21.58 -8.67
N ASP B 219 -21.78 21.66 -8.06
CA ASP B 219 -22.66 22.80 -8.28
C ASP B 219 -22.06 24.09 -7.74
N LYS B 220 -21.25 23.98 -6.68
CA LYS B 220 -20.57 25.15 -6.11
C LYS B 220 -19.71 25.85 -7.17
N TYR B 221 -19.00 25.06 -7.98
CA TYR B 221 -18.07 25.63 -8.94
C TYR B 221 -18.63 25.73 -10.34
N LEU B 222 -19.60 24.89 -10.68
CA LEU B 222 -20.04 24.80 -12.08
C LEU B 222 -21.49 25.25 -12.30
N ALA B 223 -22.17 25.60 -11.21
CA ALA B 223 -23.58 25.99 -11.28
C ALA B 223 -23.89 27.12 -10.28
#